data_6JVQ
#
_entry.id   6JVQ
#
_cell.length_a   59.122
_cell.length_b   68.780
_cell.length_c   78.874
_cell.angle_alpha   90.000
_cell.angle_beta   90.000
_cell.angle_gamma   90.000
#
_symmetry.space_group_name_H-M   'P 21 21 21'
#
loop_
_entity.id
_entity.type
_entity.pdbx_description
1 polymer '7,8-dihydro-8-oxoguanine triphosphatase'
2 non-polymer N4-cyclopropyl-6-morpholin-4-yl-pyrimidine-2,4-diamine
3 water water
#
_entity_poly.entity_id   1
_entity_poly.type   'polypeptide(L)'
_entity_poly.pdbx_seq_one_letter_code
;MGASRLYTLVLVLQPQRVLLGMKKRGFGAGRWNGFGGKVQEGETIEDGARRELQEESGLTVDALHKVGQIVFEFVGEPEL
MDVHVFCTDSIQGTPVESDEMRPCWFQLDQIPFKDMWPDDSYWFPLLLQKKKFHGYFKFQGQDTILDYTLREVDTV
;
_entity_poly.pdbx_strand_id   A,B
#
loop_
_chem_comp.id
_chem_comp.type
_chem_comp.name
_chem_comp.formula
CJF non-polymer N4-cyclopropyl-6-morpholin-4-yl-pyrimidine-2,4-diamine 'C11 H17 N5 O'
#
# COMPACT_ATOMS: atom_id res chain seq x y z
N ALA A 3 -16.02 10.46 7.27
CA ALA A 3 -17.32 10.03 6.74
C ALA A 3 -17.14 9.50 5.32
N SER A 4 -17.88 8.44 5.00
CA SER A 4 -17.71 7.77 3.73
C SER A 4 -19.06 7.29 3.24
N ARG A 5 -19.14 7.04 1.93
CA ARG A 5 -20.34 6.50 1.32
C ARG A 5 -20.04 5.11 0.81
N LEU A 6 -20.99 4.20 0.99
CA LEU A 6 -20.76 2.81 0.64
C LEU A 6 -21.04 2.57 -0.84
N TYR A 7 -20.15 1.83 -1.47
CA TYR A 7 -20.33 1.38 -2.84
C TYR A 7 -19.96 -0.09 -2.86
N THR A 8 -20.47 -0.78 -3.87
CA THR A 8 -20.16 -2.17 -4.11
C THR A 8 -19.45 -2.31 -5.44
N LEU A 9 -18.74 -3.41 -5.59
CA LEU A 9 -18.07 -3.74 -6.84
C LEU A 9 -17.98 -5.25 -6.90
N VAL A 10 -18.46 -5.83 -8.01
CA VAL A 10 -18.56 -7.28 -8.14
C VAL A 10 -17.78 -7.72 -9.37
N LEU A 11 -16.82 -8.62 -9.16
CA LEU A 11 -16.05 -9.23 -10.22
C LEU A 11 -16.44 -10.71 -10.30
N VAL A 12 -16.99 -11.11 -11.44
CA VAL A 12 -17.23 -12.53 -11.72
C VAL A 12 -15.93 -13.04 -12.30
N LEU A 13 -15.15 -13.74 -11.46
CA LEU A 13 -13.80 -14.17 -11.78
C LEU A 13 -13.80 -15.69 -11.84
N GLN A 14 -13.67 -16.22 -13.04
CA GLN A 14 -13.62 -17.66 -13.28
C GLN A 14 -12.18 -18.09 -13.52
N PRO A 15 -11.88 -19.39 -13.46
CA PRO A 15 -10.47 -19.82 -13.53
C PRO A 15 -9.66 -19.23 -14.69
N GLN A 16 -10.27 -18.98 -15.85
CA GLN A 16 -9.54 -18.45 -17.00
C GLN A 16 -10.02 -17.08 -17.47
N ARG A 17 -11.08 -16.51 -16.89
CA ARG A 17 -11.64 -15.29 -17.45
C ARG A 17 -12.37 -14.48 -16.38
N VAL A 18 -12.40 -13.17 -16.61
CA VAL A 18 -13.11 -12.21 -15.75
C VAL A 18 -14.15 -11.49 -16.60
N LEU A 19 -15.32 -11.27 -16.03
CA LEU A 19 -16.39 -10.59 -16.73
C LEU A 19 -16.36 -9.10 -16.38
N LEU A 20 -16.36 -8.26 -17.39
CA LEU A 20 -16.35 -6.83 -17.18
C LEU A 20 -17.47 -6.19 -17.98
N GLY A 21 -17.81 -4.98 -17.60
CA GLY A 21 -18.84 -4.23 -18.30
C GLY A 21 -18.35 -2.86 -18.71
N MET A 22 -18.69 -2.47 -19.94
CA MET A 22 -18.39 -1.13 -20.43
C MET A 22 -19.50 -0.20 -19.96
N LYS A 23 -19.14 0.81 -19.16
CA LYS A 23 -20.11 1.70 -18.53
C LYS A 23 -20.59 2.74 -19.54
N LYS A 24 -21.90 2.75 -19.81
CA LYS A 24 -22.43 3.51 -20.94
C LYS A 24 -22.85 4.94 -20.61
N ARG A 25 -22.93 5.28 -19.34
CA ARG A 25 -23.42 6.58 -18.93
C ARG A 25 -23.09 6.72 -17.46
N GLY A 26 -23.25 7.93 -16.94
CA GLY A 26 -23.05 8.13 -15.51
C GLY A 26 -21.58 8.14 -15.15
N PHE A 27 -21.33 7.98 -13.85
CA PHE A 27 -19.97 7.95 -13.31
C PHE A 27 -19.13 6.83 -13.90
N GLY A 28 -17.97 7.17 -14.44
CA GLY A 28 -17.09 6.17 -15.03
C GLY A 28 -17.46 5.73 -16.44
N ALA A 29 -18.30 6.50 -17.14
CA ALA A 29 -18.67 6.17 -18.52
C ALA A 29 -17.43 6.05 -19.40
N GLY A 30 -17.40 4.99 -20.21
CA GLY A 30 -16.28 4.78 -21.11
C GLY A 30 -15.17 3.92 -20.56
N ARG A 31 -15.33 3.37 -19.37
CA ARG A 31 -14.32 2.52 -18.77
C ARG A 31 -14.91 1.17 -18.46
N TRP A 32 -14.12 0.13 -18.67
CA TRP A 32 -14.50 -1.20 -18.22
C TRP A 32 -14.34 -1.28 -16.69
N ASN A 33 -15.24 -2.03 -16.04
CA ASN A 33 -15.22 -2.20 -14.60
C ASN A 33 -16.06 -3.42 -14.27
N GLY A 34 -15.97 -3.87 -13.03
CA GLY A 34 -16.94 -4.79 -12.50
C GLY A 34 -18.26 -4.08 -12.27
N PHE A 35 -19.24 -4.83 -11.78
CA PHE A 35 -20.59 -4.29 -11.59
C PHE A 35 -20.78 -3.86 -10.15
N GLY A 36 -21.41 -2.71 -9.95
CA GLY A 36 -21.64 -2.21 -8.62
C GLY A 36 -22.25 -0.83 -8.67
N GLY A 37 -22.21 -0.14 -7.53
CA GLY A 37 -22.82 1.18 -7.42
C GLY A 37 -23.17 1.48 -5.97
N LYS A 38 -24.05 2.47 -5.81
CA LYS A 38 -24.36 2.98 -4.48
C LYS A 38 -25.11 1.94 -3.66
N VAL A 39 -24.72 1.82 -2.40
CA VAL A 39 -25.50 1.04 -1.45
C VAL A 39 -26.64 1.93 -0.97
N GLN A 40 -27.85 1.40 -0.98
CA GLN A 40 -29.03 2.17 -0.59
C GLN A 40 -29.36 1.98 0.89
N GLU A 41 -30.16 2.90 1.40
CA GLU A 41 -30.75 2.71 2.71
C GLU A 41 -31.67 1.51 2.68
N GLY A 42 -31.58 0.66 3.70
CA GLY A 42 -32.48 -0.46 3.82
C GLY A 42 -31.97 -1.78 3.30
N GLU A 43 -30.77 -1.81 2.73
CA GLU A 43 -30.22 -3.04 2.19
C GLU A 43 -28.81 -3.23 2.75
N THR A 44 -28.44 -4.49 2.96
CA THR A 44 -27.06 -4.76 3.31
C THR A 44 -26.15 -4.44 2.14
N ILE A 45 -24.86 -4.31 2.44
CA ILE A 45 -23.89 -4.05 1.40
C ILE A 45 -23.94 -5.14 0.34
N GLU A 46 -23.97 -6.40 0.77
CA GLU A 46 -24.01 -7.50 -0.19
C GLU A 46 -25.33 -7.48 -0.96
N ASP A 47 -26.44 -7.17 -0.28
CA ASP A 47 -27.70 -6.99 -0.98
C ASP A 47 -27.56 -5.97 -2.10
N GLY A 48 -26.99 -4.81 -1.77
CA GLY A 48 -26.76 -3.80 -2.80
C GLY A 48 -25.89 -4.33 -3.93
N ALA A 49 -24.90 -5.16 -3.60
CA ALA A 49 -24.04 -5.73 -4.62
C ALA A 49 -24.84 -6.65 -5.56
N ARG A 50 -25.68 -7.51 -4.99
CA ARG A 50 -26.52 -8.37 -5.82
C ARG A 50 -27.45 -7.56 -6.71
N ARG A 51 -28.07 -6.52 -6.16
CA ARG A 51 -29.01 -5.70 -6.94
C ARG A 51 -28.32 -5.05 -8.14
N GLU A 52 -27.16 -4.41 -7.91
CA GLU A 52 -26.47 -3.78 -9.02
C GLU A 52 -26.02 -4.80 -10.05
N LEU A 53 -25.59 -5.98 -9.61
CA LEU A 53 -25.23 -7.01 -10.57
C LEU A 53 -26.44 -7.41 -11.41
N GLN A 54 -27.59 -7.59 -10.76
CA GLN A 54 -28.81 -7.92 -11.50
C GLN A 54 -29.21 -6.78 -12.42
N GLU A 55 -29.15 -5.54 -11.92
CA GLU A 55 -29.52 -4.36 -12.70
C GLU A 55 -28.65 -4.21 -13.95
N GLU A 56 -27.34 -4.38 -13.79
CA GLU A 56 -26.42 -4.00 -14.85
C GLU A 56 -26.09 -5.13 -15.81
N SER A 57 -26.30 -6.37 -15.41
CA SER A 57 -25.97 -7.52 -16.23
C SER A 57 -27.09 -8.55 -16.32
N GLY A 58 -28.18 -8.39 -15.57
CA GLY A 58 -29.18 -9.42 -15.50
C GLY A 58 -28.78 -10.65 -14.72
N LEU A 59 -27.55 -10.74 -14.24
CA LEU A 59 -27.13 -11.96 -13.58
C LEU A 59 -27.53 -11.96 -12.12
N THR A 60 -27.79 -13.15 -11.62
CA THR A 60 -27.90 -13.40 -10.19
C THR A 60 -26.87 -14.44 -9.83
N VAL A 61 -26.53 -14.48 -8.56
CA VAL A 61 -25.40 -15.25 -8.09
C VAL A 61 -25.82 -16.06 -6.88
N ASP A 62 -25.25 -17.27 -6.77
CA ASP A 62 -25.53 -18.13 -5.63
C ASP A 62 -24.89 -17.56 -4.36
N ALA A 63 -23.61 -17.20 -4.44
CA ALA A 63 -22.86 -16.71 -3.29
C ALA A 63 -21.86 -15.65 -3.74
N LEU A 64 -21.75 -14.58 -2.97
CA LEU A 64 -20.73 -13.55 -3.15
C LEU A 64 -19.70 -13.66 -2.04
N HIS A 65 -18.42 -13.52 -2.40
CA HIS A 65 -17.32 -13.58 -1.44
C HIS A 65 -16.63 -12.22 -1.32
N LYS A 66 -16.48 -11.76 -0.08
CA LYS A 66 -15.71 -10.54 0.18
C LYS A 66 -14.25 -10.73 -0.21
N VAL A 67 -13.75 -9.85 -1.07
CA VAL A 67 -12.35 -9.89 -1.47
C VAL A 67 -11.57 -8.62 -1.12
N GLY A 68 -12.22 -7.47 -0.96
CA GLY A 68 -11.42 -6.29 -0.71
C GLY A 68 -12.25 -5.09 -0.30
N GLN A 69 -11.53 -4.08 0.19
CA GLN A 69 -12.11 -2.78 0.47
C GLN A 69 -11.15 -1.73 -0.04
N ILE A 70 -11.66 -0.75 -0.78
CA ILE A 70 -10.85 0.34 -1.32
C ILE A 70 -11.52 1.65 -0.94
N VAL A 71 -10.78 2.52 -0.28
CA VAL A 71 -11.24 3.85 0.10
C VAL A 71 -10.63 4.83 -0.89
N PHE A 72 -11.46 5.70 -1.44
CA PHE A 72 -11.01 6.75 -2.34
C PHE A 72 -11.30 8.11 -1.73
N GLU A 73 -10.30 9.00 -1.79
CA GLU A 73 -10.51 10.42 -1.57
C GLU A 73 -10.27 11.14 -2.89
N PHE A 74 -11.15 12.11 -3.16
CA PHE A 74 -11.05 13.00 -4.32
C PHE A 74 -10.77 14.40 -3.79
N VAL A 75 -9.71 15.02 -4.31
CA VAL A 75 -9.33 16.34 -3.83
C VAL A 75 -10.51 17.29 -3.95
N GLY A 76 -10.76 18.05 -2.89
CA GLY A 76 -11.84 18.99 -2.85
C GLY A 76 -13.21 18.43 -2.54
N GLU A 77 -13.36 17.11 -2.38
CA GLU A 77 -14.66 16.51 -2.10
C GLU A 77 -14.68 15.98 -0.67
N PRO A 78 -15.65 16.41 0.16
CA PRO A 78 -15.58 16.06 1.58
C PRO A 78 -15.84 14.59 1.86
N GLU A 79 -16.67 13.94 1.08
CA GLU A 79 -17.03 12.56 1.34
C GLU A 79 -16.01 11.62 0.72
N LEU A 80 -15.65 10.58 1.48
CA LEU A 80 -14.83 9.52 0.92
C LEU A 80 -15.69 8.43 0.31
N MET A 81 -15.15 7.76 -0.71
CA MET A 81 -15.77 6.61 -1.35
C MET A 81 -15.25 5.33 -0.72
N ASP A 82 -16.14 4.51 -0.16
CA ASP A 82 -15.74 3.26 0.46
C ASP A 82 -16.32 2.11 -0.38
N VAL A 83 -15.48 1.50 -1.20
CA VAL A 83 -15.93 0.48 -2.15
C VAL A 83 -15.64 -0.89 -1.58
N HIS A 84 -16.67 -1.69 -1.40
CA HIS A 84 -16.52 -3.07 -0.98
C HIS A 84 -16.51 -3.96 -2.22
N VAL A 85 -15.43 -4.70 -2.40
CA VAL A 85 -15.22 -5.48 -3.61
C VAL A 85 -15.59 -6.91 -3.28
N PHE A 86 -16.37 -7.53 -4.17
CA PHE A 86 -16.81 -8.90 -4.02
C PHE A 86 -16.37 -9.72 -5.22
N CYS A 87 -16.26 -11.01 -4.97
CA CYS A 87 -15.85 -11.98 -5.96
C CYS A 87 -16.87 -13.10 -6.00
N THR A 88 -16.97 -13.74 -7.17
CA THR A 88 -17.85 -14.88 -7.32
C THR A 88 -17.40 -15.67 -8.54
N ASP A 89 -17.55 -17.00 -8.46
CA ASP A 89 -17.25 -17.90 -9.56
C ASP A 89 -18.52 -18.29 -10.33
N SER A 90 -19.41 -19.06 -9.68
CA SER A 90 -20.64 -19.58 -10.29
C SER A 90 -21.67 -18.47 -10.49
N ILE A 91 -22.07 -18.21 -11.73
CA ILE A 91 -23.14 -17.24 -12.00
C ILE A 91 -24.36 -17.99 -12.50
N GLN A 92 -25.53 -17.40 -12.25
CA GLN A 92 -26.81 -17.92 -12.73
C GLN A 92 -27.28 -17.06 -13.90
N GLY A 93 -27.15 -17.57 -15.11
CA GLY A 93 -27.67 -16.93 -16.31
C GLY A 93 -26.57 -16.50 -17.26
N THR A 94 -27.00 -15.81 -18.30
CA THR A 94 -26.17 -15.24 -19.33
C THR A 94 -26.15 -13.73 -19.14
N PRO A 95 -24.97 -13.12 -19.10
CA PRO A 95 -24.93 -11.66 -18.93
C PRO A 95 -25.41 -10.95 -20.18
N VAL A 96 -26.18 -9.88 -20.01
CA VAL A 96 -26.66 -9.15 -21.18
C VAL A 96 -26.62 -7.65 -20.92
N GLU A 97 -26.44 -6.89 -22.00
CA GLU A 97 -26.33 -5.45 -21.95
C GLU A 97 -27.55 -4.86 -21.26
N SER A 98 -27.30 -3.81 -20.47
CA SER A 98 -28.33 -2.96 -19.87
C SER A 98 -28.13 -1.53 -20.37
N ASP A 99 -28.90 -0.59 -19.83
CA ASP A 99 -28.62 0.79 -20.21
C ASP A 99 -27.40 1.35 -19.48
N GLU A 100 -26.88 0.65 -18.48
CA GLU A 100 -25.66 1.04 -17.80
C GLU A 100 -24.41 0.36 -18.33
N MET A 101 -24.51 -0.90 -18.74
CA MET A 101 -23.32 -1.74 -18.90
C MET A 101 -23.46 -2.67 -20.09
N ARG A 102 -22.38 -2.77 -20.88
CA ARG A 102 -22.24 -3.74 -21.96
C ARG A 102 -21.26 -4.83 -21.51
N PRO A 103 -21.72 -5.98 -21.03
CA PRO A 103 -20.80 -6.99 -20.50
C PRO A 103 -20.04 -7.76 -21.58
N CYS A 104 -18.80 -8.10 -21.24
CA CYS A 104 -17.93 -8.93 -22.07
C CYS A 104 -16.99 -9.73 -21.19
N TRP A 105 -16.70 -10.95 -21.58
CA TRP A 105 -15.70 -11.76 -20.90
C TRP A 105 -14.29 -11.39 -21.39
N PHE A 106 -13.32 -11.46 -20.48
CA PHE A 106 -11.93 -11.20 -20.83
C PHE A 106 -11.04 -12.32 -20.36
N GLN A 107 -10.15 -12.81 -21.24
CA GLN A 107 -9.07 -13.67 -20.78
C GLN A 107 -8.24 -12.92 -19.75
N LEU A 108 -7.66 -13.65 -18.79
CA LEU A 108 -6.97 -12.96 -17.71
C LEU A 108 -5.66 -12.31 -18.13
N ASP A 109 -5.10 -12.65 -19.28
CA ASP A 109 -3.93 -11.93 -19.77
C ASP A 109 -4.31 -10.84 -20.75
N GLN A 110 -5.61 -10.54 -20.90
CA GLN A 110 -6.05 -9.48 -21.80
C GLN A 110 -6.98 -8.51 -21.08
N ILE A 111 -6.76 -8.33 -19.80
CA ILE A 111 -7.52 -7.34 -19.05
C ILE A 111 -7.14 -5.95 -19.53
N PRO A 112 -8.12 -5.07 -19.89
CA PRO A 112 -7.83 -3.78 -20.55
C PRO A 112 -7.58 -2.65 -19.55
N PHE A 113 -6.46 -2.75 -18.82
CA PHE A 113 -6.18 -1.79 -17.73
C PHE A 113 -6.16 -0.36 -18.22
N LYS A 114 -5.73 -0.11 -19.45
CA LYS A 114 -5.71 1.24 -20.01
C LYS A 114 -7.10 1.84 -20.16
N ASP A 115 -8.15 1.01 -20.17
CA ASP A 115 -9.53 1.45 -20.30
C ASP A 115 -10.32 1.15 -19.03
N MET A 116 -9.63 1.11 -17.89
CA MET A 116 -10.25 0.92 -16.60
C MET A 116 -9.89 2.08 -15.68
N TRP A 117 -10.49 2.11 -14.50
CA TRP A 117 -10.04 3.06 -13.50
C TRP A 117 -8.56 2.82 -13.23
N PRO A 118 -7.78 3.87 -13.02
CA PRO A 118 -6.32 3.68 -12.86
C PRO A 118 -5.94 2.85 -11.64
N ASP A 119 -6.72 2.92 -10.56
CA ASP A 119 -6.40 2.11 -9.38
C ASP A 119 -6.44 0.61 -9.71
N ASP A 120 -7.26 0.19 -10.68
CA ASP A 120 -7.43 -1.24 -10.92
C ASP A 120 -6.11 -1.91 -11.30
N SER A 121 -5.23 -1.19 -11.99
CA SER A 121 -3.91 -1.74 -12.31
C SER A 121 -3.14 -2.09 -11.04
N TYR A 122 -3.42 -1.38 -9.96
CA TYR A 122 -2.69 -1.63 -8.72
C TYR A 122 -3.27 -2.81 -7.95
N TRP A 123 -4.60 -2.87 -7.79
CA TRP A 123 -5.14 -3.90 -6.91
C TRP A 123 -5.69 -5.12 -7.64
N PHE A 124 -5.98 -5.03 -8.94
CA PHE A 124 -6.48 -6.21 -9.64
C PHE A 124 -5.54 -7.41 -9.52
N PRO A 125 -4.21 -7.26 -9.57
CA PRO A 125 -3.33 -8.43 -9.34
C PRO A 125 -3.62 -9.16 -8.04
N LEU A 126 -3.85 -8.42 -6.95
CA LEU A 126 -4.18 -9.09 -5.69
C LEU A 126 -5.50 -9.85 -5.79
N LEU A 127 -6.46 -9.30 -6.54
CA LEU A 127 -7.70 -10.03 -6.79
C LEU A 127 -7.43 -11.36 -7.47
N LEU A 128 -6.49 -11.37 -8.43
CA LEU A 128 -6.23 -12.58 -9.20
C LEU A 128 -5.52 -13.64 -8.37
N GLN A 129 -4.68 -13.25 -7.42
CA GLN A 129 -4.05 -14.23 -6.55
C GLN A 129 -4.97 -14.69 -5.43
N LYS A 130 -6.21 -14.22 -5.42
CA LYS A 130 -7.21 -14.59 -4.42
C LYS A 130 -6.73 -14.22 -3.02
N LYS A 131 -6.10 -13.05 -2.90
CA LYS A 131 -5.70 -12.48 -1.61
C LYS A 131 -6.61 -11.31 -1.26
N LYS A 132 -7.08 -11.30 -0.01
CA LYS A 132 -7.88 -10.19 0.46
C LYS A 132 -6.98 -8.99 0.72
N PHE A 133 -7.52 -7.79 0.49
CA PHE A 133 -6.73 -6.56 0.48
C PHE A 133 -7.55 -5.38 0.98
N HIS A 134 -6.83 -4.39 1.51
CA HIS A 134 -7.35 -3.07 1.83
C HIS A 134 -6.56 -2.07 1.00
N GLY A 135 -7.25 -1.14 0.35
CA GLY A 135 -6.59 -0.15 -0.48
C GLY A 135 -7.06 1.26 -0.15
N TYR A 136 -6.18 2.21 -0.43
CA TYR A 136 -6.51 3.62 -0.32
C TYR A 136 -5.91 4.36 -1.49
N PHE A 137 -6.70 5.21 -2.15
CA PHE A 137 -6.22 5.97 -3.29
C PHE A 137 -6.74 7.39 -3.17
N LYS A 138 -5.83 8.35 -3.33
CA LYS A 138 -6.18 9.76 -3.39
C LYS A 138 -6.13 10.18 -4.85
N PHE A 139 -7.25 10.68 -5.36
CA PHE A 139 -7.37 11.11 -6.75
C PHE A 139 -7.44 12.62 -6.84
N GLN A 140 -6.84 13.15 -7.90
CA GLN A 140 -7.09 14.50 -8.36
C GLN A 140 -7.82 14.35 -9.69
N GLY A 141 -9.05 14.82 -9.76
CA GLY A 141 -9.79 14.47 -10.97
C GLY A 141 -10.14 12.99 -10.97
N GLN A 142 -10.36 12.45 -12.16
CA GLN A 142 -10.66 11.03 -12.27
C GLN A 142 -9.55 10.26 -12.94
N ASP A 143 -8.39 10.87 -13.16
CA ASP A 143 -7.31 10.17 -13.84
C ASP A 143 -5.98 10.14 -13.10
N THR A 144 -5.81 10.91 -12.03
CA THR A 144 -4.49 11.13 -11.43
C THR A 144 -4.47 10.58 -10.03
N ILE A 145 -3.73 9.50 -9.81
CA ILE A 145 -3.50 9.01 -8.46
C ILE A 145 -2.34 9.79 -7.84
N LEU A 146 -2.60 10.47 -6.74
CA LEU A 146 -1.57 11.23 -6.04
C LEU A 146 -0.94 10.44 -4.91
N ASP A 147 -1.73 9.67 -4.16
CA ASP A 147 -1.19 8.80 -3.13
C ASP A 147 -1.95 7.49 -3.12
N TYR A 148 -1.27 6.44 -2.63
CA TYR A 148 -2.02 5.21 -2.41
C TYR A 148 -1.27 4.32 -1.42
N THR A 149 -2.05 3.48 -0.75
CA THR A 149 -1.55 2.40 0.08
C THR A 149 -2.31 1.15 -0.27
N LEU A 150 -1.64 0.00 -0.10
CA LEU A 150 -2.23 -1.28 -0.47
C LEU A 150 -1.58 -2.37 0.36
N ARG A 151 -2.41 -3.20 1.00
CA ARG A 151 -1.87 -4.29 1.81
C ARG A 151 -2.83 -5.47 1.73
N GLU A 152 -2.32 -6.63 2.11
CA GLU A 152 -3.15 -7.82 2.27
C GLU A 152 -3.66 -7.88 3.70
N VAL A 153 -4.91 -8.30 3.86
CA VAL A 153 -5.53 -8.44 5.17
C VAL A 153 -6.03 -9.87 5.32
N ASP A 154 -6.26 -10.28 6.57
CA ASP A 154 -6.86 -11.55 6.88
C ASP A 154 -8.37 -11.45 6.94
N THR A 155 -8.87 -10.27 7.26
CA THR A 155 -10.29 -9.97 7.30
C THR A 155 -10.54 -8.71 6.49
N VAL A 156 -11.41 -8.81 5.48
CA VAL A 156 -11.79 -7.66 4.66
C VAL A 156 -12.68 -6.72 5.49
N GLY B 2 14.92 7.48 -11.46
CA GLY B 2 15.99 8.46 -11.55
C GLY B 2 17.25 8.05 -10.81
N ALA B 3 18.29 8.88 -10.88
CA ALA B 3 19.52 8.62 -10.15
C ALA B 3 19.24 8.60 -8.65
N SER B 4 19.92 7.70 -7.94
CA SER B 4 19.64 7.52 -6.52
C SER B 4 20.91 7.13 -5.78
N ARG B 5 20.89 7.37 -4.47
CA ARG B 5 21.96 6.94 -3.57
C ARG B 5 21.40 5.94 -2.56
N LEU B 6 22.18 4.91 -2.27
CA LEU B 6 21.77 3.82 -1.39
C LEU B 6 22.06 4.15 0.07
N TYR B 7 21.08 3.93 0.94
CA TYR B 7 21.26 4.04 2.38
C TYR B 7 20.68 2.78 3.02
N THR B 8 21.12 2.50 4.24
CA THR B 8 20.57 1.40 5.03
C THR B 8 19.87 1.95 6.26
N LEU B 9 18.99 1.13 6.82
CA LEU B 9 18.26 1.47 8.04
C LEU B 9 17.93 0.16 8.73
N VAL B 10 18.31 0.06 10.01
CA VAL B 10 18.22 -1.18 10.77
C VAL B 10 17.34 -0.95 11.98
N LEU B 11 16.28 -1.74 12.10
CA LEU B 11 15.40 -1.76 13.25
C LEU B 11 15.51 -3.12 13.96
N VAL B 12 15.95 -3.13 15.22
CA VAL B 12 15.90 -4.34 16.02
C VAL B 12 14.56 -4.39 16.78
N LEU B 13 13.71 -5.31 16.37
CA LEU B 13 12.32 -5.29 16.81
C LEU B 13 11.97 -6.39 17.81
N VAL B 18 11.27 -2.45 20.60
CA VAL B 18 12.05 -1.95 19.47
C VAL B 18 13.10 -0.96 19.95
N LEU B 19 14.30 -1.04 19.38
CA LEU B 19 15.41 -0.16 19.75
C LEU B 19 15.55 0.96 18.72
N LEU B 20 15.74 2.17 19.21
CA LEU B 20 15.91 3.34 18.37
C LEU B 20 17.14 4.08 18.84
N GLY B 21 17.63 4.99 18.02
CA GLY B 21 18.77 5.80 18.36
C GLY B 21 18.47 7.26 18.17
N MET B 22 18.89 8.06 19.15
CA MET B 22 18.81 9.51 19.03
C MET B 22 20.04 10.00 18.27
N LYS B 23 19.81 10.64 17.13
CA LYS B 23 20.89 11.07 16.25
C LYS B 23 21.49 12.36 16.80
N LYS B 24 22.81 12.35 17.04
CA LYS B 24 23.44 13.42 17.80
C LYS B 24 23.79 14.62 16.92
N ARG B 25 24.30 14.41 15.72
CA ARG B 25 24.51 15.52 14.81
C ARG B 25 24.43 15.02 13.38
N GLY B 26 24.45 15.97 12.45
CA GLY B 26 24.34 15.66 11.04
C GLY B 26 22.90 15.55 10.59
N PHE B 27 22.71 14.95 9.42
CA PHE B 27 21.38 14.75 8.86
C PHE B 27 20.51 13.98 9.85
N GLY B 28 19.34 14.54 10.17
CA GLY B 28 18.43 13.92 11.10
C GLY B 28 18.76 14.12 12.56
N ALA B 29 19.67 15.06 12.87
CA ALA B 29 20.02 15.33 14.25
C ALA B 29 18.79 15.79 15.02
N GLY B 30 18.57 15.19 16.18
CA GLY B 30 17.46 15.54 17.01
C GLY B 30 16.23 14.69 16.83
N ARG B 31 16.30 13.64 16.02
CA ARG B 31 15.19 12.74 15.79
C ARG B 31 15.61 11.33 16.16
N TRP B 32 14.65 10.56 16.72
CA TRP B 32 14.86 9.14 16.89
C TRP B 32 14.72 8.42 15.55
N ASN B 33 15.52 7.36 15.37
CA ASN B 33 15.49 6.58 14.14
C ASN B 33 16.16 5.25 14.45
N GLY B 34 16.02 4.31 13.52
CA GLY B 34 16.88 3.14 13.51
C GLY B 34 18.29 3.49 13.07
N PHE B 35 19.15 2.48 13.00
CA PHE B 35 20.56 2.69 12.67
C PHE B 35 20.80 2.43 11.19
N GLY B 36 21.62 3.29 10.58
CA GLY B 36 21.92 3.15 9.16
C GLY B 36 22.77 4.31 8.68
N GLY B 37 22.83 4.45 7.36
CA GLY B 37 23.63 5.50 6.74
C GLY B 37 24.01 5.10 5.32
N LYS B 38 24.99 5.83 4.78
CA LYS B 38 25.38 5.65 3.40
C LYS B 38 26.00 4.27 3.18
N VAL B 39 25.71 3.67 2.04
CA VAL B 39 26.38 2.44 1.61
C VAL B 39 27.64 2.82 0.84
N GLN B 40 28.76 2.18 1.18
CA GLN B 40 30.05 2.45 0.56
C GLN B 40 30.23 1.58 -0.68
N GLU B 41 31.09 2.04 -1.58
CA GLU B 41 31.53 1.20 -2.68
C GLU B 41 32.38 0.06 -2.12
N GLY B 42 32.15 -1.16 -2.60
CA GLY B 42 32.88 -2.32 -2.14
C GLY B 42 32.20 -3.17 -1.09
N GLU B 43 31.03 -2.76 -0.60
CA GLU B 43 30.35 -3.54 0.42
C GLU B 43 28.94 -3.82 -0.04
N THR B 44 28.41 -4.98 0.36
CA THR B 44 27.00 -5.21 0.09
C THR B 44 26.15 -4.27 0.92
N ILE B 45 24.91 -4.09 0.48
CA ILE B 45 23.97 -3.27 1.23
C ILE B 45 23.81 -3.77 2.65
N GLU B 46 23.67 -5.09 2.81
CA GLU B 46 23.55 -5.66 4.14
C GLU B 46 24.85 -5.51 4.92
N ASP B 47 26.01 -5.71 4.26
CA ASP B 47 27.29 -5.41 4.92
C ASP B 47 27.29 -4.01 5.48
N GLY B 48 26.90 -3.04 4.65
CA GLY B 48 26.80 -1.68 5.11
C GLY B 48 25.84 -1.53 6.26
N ALA B 49 24.72 -2.25 6.22
CA ALA B 49 23.76 -2.16 7.32
C ALA B 49 24.39 -2.69 8.61
N ARG B 50 25.09 -3.81 8.51
CA ARG B 50 25.81 -4.37 9.66
C ARG B 50 26.88 -3.40 10.16
N ARG B 51 27.65 -2.80 9.24
CA ARG B 51 28.72 -1.89 9.66
C ARG B 51 28.15 -0.69 10.43
N GLU B 52 27.12 -0.05 9.88
CA GLU B 52 26.51 1.07 10.58
C GLU B 52 25.86 0.62 11.89
N LEU B 53 25.34 -0.60 11.96
CA LEU B 53 24.78 -1.06 13.23
C LEU B 53 25.88 -1.17 14.29
N GLN B 54 27.02 -1.73 13.91
CA GLN B 54 28.14 -1.82 14.84
C GLN B 54 28.65 -0.43 15.21
N GLU B 55 28.79 0.46 14.23
CA GLU B 55 29.32 1.79 14.49
C GLU B 55 28.45 2.57 15.46
N GLU B 56 27.14 2.54 15.27
CA GLU B 56 26.24 3.45 15.96
C GLU B 56 25.71 2.91 17.28
N SER B 57 25.71 1.60 17.46
CA SER B 57 25.15 1.00 18.65
C SER B 57 26.07 -0.03 19.29
N GLY B 58 27.21 -0.33 18.66
CA GLY B 58 28.08 -1.37 19.15
C GLY B 58 27.58 -2.78 18.98
N LEU B 59 26.38 -2.99 18.45
CA LEU B 59 25.82 -4.33 18.37
C LEU B 59 26.26 -5.09 17.13
N THR B 60 26.36 -6.40 17.29
CA THR B 60 26.50 -7.33 16.19
C THR B 60 25.33 -8.31 16.25
N VAL B 61 24.92 -8.83 15.09
CA VAL B 61 23.72 -9.66 15.00
C VAL B 61 24.00 -10.87 14.13
N ASP B 62 23.27 -11.96 14.40
CA ASP B 62 23.41 -13.17 13.60
C ASP B 62 22.85 -12.98 12.19
N ALA B 63 21.64 -12.45 12.08
CA ALA B 63 20.98 -12.34 10.79
C ALA B 63 20.19 -11.05 10.69
N LEU B 64 20.29 -10.39 9.55
CA LEU B 64 19.43 -9.27 9.20
C LEU B 64 18.43 -9.72 8.15
N HIS B 65 17.19 -9.32 8.32
CA HIS B 65 16.13 -9.67 7.39
C HIS B 65 15.69 -8.42 6.65
N LYS B 66 15.69 -8.50 5.32
CA LYS B 66 15.12 -7.44 4.49
C LYS B 66 13.63 -7.31 4.78
N VAL B 67 13.19 -6.11 5.15
CA VAL B 67 11.77 -5.86 5.40
C VAL B 67 11.18 -4.78 4.50
N GLY B 68 11.98 -3.89 3.94
CA GLY B 68 11.36 -2.85 3.15
C GLY B 68 12.39 -2.06 2.38
N GLN B 69 11.87 -1.30 1.42
CA GLN B 69 12.61 -0.31 0.66
C GLN B 69 11.73 0.91 0.54
N ILE B 70 12.31 2.07 0.82
CA ILE B 70 11.62 3.33 0.74
C ILE B 70 12.48 4.28 -0.07
N VAL B 71 11.90 4.90 -1.09
CA VAL B 71 12.56 5.93 -1.87
C VAL B 71 12.01 7.27 -1.44
N PHE B 72 12.90 8.21 -1.13
CA PHE B 72 12.51 9.58 -0.79
C PHE B 72 12.97 10.48 -1.92
N GLU B 73 12.11 11.38 -2.39
CA GLU B 73 12.57 12.45 -3.24
C GLU B 73 12.29 13.79 -2.59
N PHE B 74 13.26 14.70 -2.65
CA PHE B 74 13.16 16.02 -2.03
C PHE B 74 13.07 17.09 -3.09
N VAL B 75 12.07 17.97 -2.95
CA VAL B 75 11.89 19.06 -3.89
C VAL B 75 13.19 19.84 -3.99
N GLY B 76 13.61 20.13 -5.20
CA GLY B 76 14.84 20.88 -5.40
C GLY B 76 16.12 20.08 -5.29
N GLU B 77 16.04 18.78 -4.98
CA GLU B 77 17.22 17.92 -4.91
C GLU B 77 17.13 16.85 -5.99
N PRO B 78 18.12 16.75 -6.90
CA PRO B 78 17.97 15.80 -8.01
C PRO B 78 18.13 14.35 -7.62
N GLU B 79 18.85 14.05 -6.54
CA GLU B 79 19.23 12.69 -6.20
C GLU B 79 18.19 12.06 -5.26
N LEU B 80 17.79 10.82 -5.56
CA LEU B 80 16.81 10.12 -4.73
C LEU B 80 17.52 9.39 -3.60
N MET B 81 16.86 9.33 -2.44
CA MET B 81 17.36 8.56 -1.31
C MET B 81 16.71 7.18 -1.40
N ASP B 82 17.53 6.13 -1.52
CA ASP B 82 17.00 4.77 -1.66
C ASP B 82 17.41 4.00 -0.41
N VAL B 83 16.45 3.85 0.51
CA VAL B 83 16.68 3.32 1.85
C VAL B 83 16.25 1.87 1.90
N HIS B 84 17.20 0.96 2.16
CA HIS B 84 16.91 -0.45 2.34
C HIS B 84 16.76 -0.72 3.84
N VAL B 85 15.61 -1.25 4.24
CA VAL B 85 15.24 -1.41 5.64
C VAL B 85 15.44 -2.86 6.06
N PHE B 86 16.04 -3.05 7.24
CA PHE B 86 16.34 -4.37 7.76
C PHE B 86 15.77 -4.57 9.15
N CYS B 87 15.54 -5.84 9.50
CA CYS B 87 15.03 -6.23 10.79
C CYS B 87 15.84 -7.38 11.41
N THR B 88 15.83 -7.45 12.73
CA THR B 88 16.44 -8.54 13.48
C THR B 88 15.84 -8.50 14.88
N ASP B 89 15.59 -9.64 15.50
CA ASP B 89 15.27 -9.46 16.92
C ASP B 89 16.47 -9.91 17.76
N SER B 90 17.08 -11.07 17.45
CA SER B 90 18.21 -11.58 18.25
C SER B 90 19.45 -10.73 18.03
N ILE B 91 19.94 -10.06 19.08
CA ILE B 91 21.17 -9.29 19.00
C ILE B 91 22.25 -9.93 19.87
N GLN B 92 23.51 -9.70 19.49
CA GLN B 92 24.66 -10.13 20.26
C GLN B 92 25.22 -8.91 20.97
N GLY B 93 24.98 -8.83 22.29
CA GLY B 93 25.58 -7.80 23.13
C GLY B 93 24.55 -6.85 23.67
N THR B 94 25.05 -5.82 24.35
CA THR B 94 24.27 -4.73 24.91
C THR B 94 24.54 -3.44 24.14
N PRO B 95 23.52 -2.74 23.65
CA PRO B 95 23.78 -1.48 22.95
C PRO B 95 24.16 -0.39 23.92
N VAL B 96 25.15 0.42 23.53
CA VAL B 96 25.56 1.56 24.33
C VAL B 96 25.86 2.72 23.40
N GLU B 97 25.78 3.92 23.96
CA GLU B 97 25.99 5.15 23.21
C GLU B 97 27.30 5.12 22.42
N SER B 98 27.26 5.69 21.23
CA SER B 98 28.41 6.09 20.45
C SER B 98 28.28 7.60 20.24
N ASP B 99 29.19 8.18 19.45
CA ASP B 99 29.10 9.62 19.23
C ASP B 99 28.12 10.01 18.14
N GLU B 100 27.58 9.06 17.39
CA GLU B 100 26.51 9.38 16.45
C GLU B 100 25.12 9.14 17.06
N MET B 101 25.00 8.16 17.95
CA MET B 101 23.71 7.63 18.33
C MET B 101 23.67 7.37 19.82
N ARG B 102 22.58 7.80 20.46
CA ARG B 102 22.28 7.43 21.83
C ARG B 102 21.14 6.43 21.76
N PRO B 103 21.39 5.13 21.88
CA PRO B 103 20.31 4.15 21.73
C PRO B 103 19.43 4.11 22.96
N CYS B 104 18.14 3.86 22.75
CA CYS B 104 17.21 3.66 23.86
C CYS B 104 16.13 2.69 23.41
N TRP B 105 15.68 1.86 24.34
CA TRP B 105 14.57 0.96 24.07
C TRP B 105 13.23 1.68 24.21
N PHE B 106 12.28 1.31 23.36
CA PHE B 106 10.90 1.79 23.45
C PHE B 106 9.98 0.59 23.37
N GLN B 107 9.05 0.49 24.31
CA GLN B 107 7.94 -0.46 24.16
C GLN B 107 7.13 -0.09 22.92
N LEU B 108 6.46 -1.09 22.36
CA LEU B 108 5.77 -0.88 21.08
C LEU B 108 4.57 0.06 21.21
N ASP B 109 4.08 0.35 22.42
CA ASP B 109 3.00 1.34 22.54
C ASP B 109 3.50 2.74 22.84
N GLN B 110 4.81 2.97 22.85
CA GLN B 110 5.35 4.29 23.13
C GLN B 110 6.43 4.68 22.13
N ILE B 111 6.26 4.26 20.88
CA ILE B 111 7.19 4.68 19.83
C ILE B 111 7.04 6.19 19.63
N PRO B 112 8.09 6.94 19.65
CA PRO B 112 8.00 8.43 19.68
C PRO B 112 7.93 9.08 18.31
N PHE B 113 6.79 8.88 17.63
CA PHE B 113 6.64 9.33 16.24
C PHE B 113 6.83 10.83 16.09
N LYS B 114 6.36 11.61 17.07
CA LYS B 114 6.50 13.06 16.99
C LYS B 114 7.97 13.49 16.94
N ASP B 115 8.88 12.66 17.45
CA ASP B 115 10.30 12.95 17.44
C ASP B 115 11.05 12.01 16.49
N MET B 116 10.36 11.52 15.46
CA MET B 116 10.96 10.73 14.41
C MET B 116 10.68 11.41 13.08
N TRP B 117 11.27 10.88 12.02
CA TRP B 117 10.92 11.37 10.69
C TRP B 117 9.42 11.18 10.47
N PRO B 118 8.77 12.12 9.80
CA PRO B 118 7.30 12.01 9.65
C PRO B 118 6.85 10.77 8.87
N ASP B 119 7.65 10.26 7.92
CA ASP B 119 7.26 9.09 7.15
C ASP B 119 7.05 7.85 8.01
N ASP B 120 7.75 7.75 9.14
CA ASP B 120 7.73 6.52 9.91
C ASP B 120 6.34 6.15 10.41
N SER B 121 5.50 7.13 10.74
CA SER B 121 4.13 6.80 11.15
C SER B 121 3.38 6.08 10.04
N TYR B 122 3.76 6.27 8.79
CA TYR B 122 3.06 5.59 7.71
C TYR B 122 3.51 4.14 7.56
N TRP B 123 4.82 3.86 7.63
CA TRP B 123 5.30 2.52 7.32
C TRP B 123 5.56 1.65 8.56
N PHE B 124 5.63 2.23 9.76
CA PHE B 124 5.82 1.39 10.95
C PHE B 124 4.71 0.34 11.15
N PRO B 125 3.42 0.61 10.92
CA PRO B 125 2.41 -0.46 11.07
C PRO B 125 2.73 -1.72 10.28
N LEU B 126 3.14 -1.58 9.01
CA LEU B 126 3.54 -2.73 8.23
C LEU B 126 4.80 -3.38 8.80
N LEU B 127 5.72 -2.58 9.35
CA LEU B 127 6.89 -3.13 10.03
C LEU B 127 6.49 -4.01 11.20
N LEU B 128 5.56 -3.52 12.04
CA LEU B 128 5.22 -4.24 13.25
C LEU B 128 4.45 -5.52 12.95
N GLN B 129 3.66 -5.53 11.88
CA GLN B 129 2.94 -6.73 11.47
C GLN B 129 3.82 -7.73 10.72
N LYS B 130 5.13 -7.49 10.64
CA LYS B 130 6.04 -8.36 9.90
C LYS B 130 5.66 -8.44 8.42
N LYS B 131 5.24 -7.31 7.84
CA LYS B 131 4.90 -7.25 6.43
C LYS B 131 6.00 -6.51 5.68
N LYS B 132 6.45 -7.08 4.56
CA LYS B 132 7.39 -6.43 3.67
C LYS B 132 6.69 -5.40 2.79
N PHE B 133 7.40 -4.30 2.51
CA PHE B 133 6.77 -3.13 1.90
C PHE B 133 7.74 -2.35 1.01
N HIS B 134 7.16 -1.68 0.02
CA HIS B 134 7.83 -0.67 -0.79
C HIS B 134 7.17 0.66 -0.54
N GLY B 135 7.98 1.69 -0.30
CA GLY B 135 7.45 3.00 -0.03
C GLY B 135 8.10 4.06 -0.91
N TYR B 136 7.35 5.13 -1.13
CA TYR B 136 7.85 6.31 -1.83
C TYR B 136 7.33 7.54 -1.11
N PHE B 137 8.20 8.52 -0.84
CA PHE B 137 7.77 9.76 -0.22
C PHE B 137 8.42 10.95 -0.89
N LYS B 138 7.60 11.93 -1.26
CA LYS B 138 8.09 13.19 -1.80
C LYS B 138 8.03 14.23 -0.70
N PHE B 139 9.17 14.81 -0.36
CA PHE B 139 9.29 15.76 0.72
C PHE B 139 9.52 17.18 0.20
N GLN B 140 8.91 18.14 0.88
CA GLN B 140 9.23 19.57 0.79
C GLN B 140 9.87 19.99 2.11
N GLY B 141 11.12 20.45 2.04
CA GLY B 141 11.81 20.61 3.31
C GLY B 141 12.10 19.21 3.82
N GLN B 142 12.26 19.10 5.14
CA GLN B 142 12.44 17.79 5.75
C GLN B 142 11.35 17.46 6.75
N ASP B 143 10.24 18.19 6.73
CA ASP B 143 9.11 17.89 7.62
C ASP B 143 7.82 17.65 6.89
N THR B 144 7.72 17.98 5.61
CA THR B 144 6.43 18.06 4.93
C THR B 144 6.37 17.04 3.80
N ILE B 145 5.53 16.03 3.97
CA ILE B 145 5.29 15.03 2.95
C ILE B 145 4.23 15.58 2.01
N LEU B 146 4.54 15.63 0.71
CA LEU B 146 3.55 16.15 -0.23
C LEU B 146 2.74 15.03 -0.86
N ASP B 147 3.38 13.92 -1.20
CA ASP B 147 2.69 12.74 -1.70
C ASP B 147 3.49 11.52 -1.29
N TYR B 148 2.84 10.36 -1.33
CA TYR B 148 3.50 9.11 -0.98
C TYR B 148 2.74 7.93 -1.55
N THR B 149 3.44 6.80 -1.66
CA THR B 149 2.85 5.50 -1.92
C THR B 149 3.46 4.48 -0.96
N LEU B 150 2.68 3.46 -0.61
CA LEU B 150 3.14 2.42 0.32
C LEU B 150 2.41 1.13 -0.04
N ARG B 151 3.16 0.07 -0.26
CA ARG B 151 2.60 -1.16 -0.80
C ARG B 151 3.27 -2.35 -0.13
N GLU B 152 2.47 -3.21 0.48
CA GLU B 152 3.02 -4.50 0.91
C GLU B 152 3.46 -5.29 -0.31
N VAL B 153 4.64 -5.91 -0.23
CA VAL B 153 5.25 -6.63 -1.34
C VAL B 153 5.54 -8.07 -0.94
N ASP B 154 5.75 -8.89 -1.97
CA ASP B 154 6.22 -10.26 -1.77
C ASP B 154 7.74 -10.37 -1.80
N THR B 155 8.42 -9.49 -2.54
CA THR B 155 9.88 -9.49 -2.61
C THR B 155 10.34 -8.06 -2.37
N VAL B 156 11.24 -7.87 -1.39
CA VAL B 156 11.72 -6.51 -1.14
C VAL B 156 12.63 -6.03 -2.27
N01 CJF C . -12.42 -0.32 -9.97
C02 CJF C . -12.96 0.95 -9.53
N03 CJF C . -14.27 1.00 -9.28
C04 CJF C . -14.81 2.14 -8.87
C05 CJF C . -14.03 3.29 -8.70
C06 CJF C . -12.65 3.19 -8.98
N07 CJF C . -11.77 4.36 -8.85
C08 CJF C . -12.22 5.60 -8.18
C09 CJF C . -13.11 6.59 -8.96
C10 CJF C . -11.62 6.88 -8.79
N11 CJF C . -12.16 2.01 -9.37
N12 CJF C . -16.26 2.17 -8.58
C13 CJF C . -16.88 3.34 -7.93
C14 CJF C . -18.42 3.34 -8.01
O15 CJF C . -19.02 2.12 -7.76
C16 CJF C . -18.45 1.06 -8.47
C17 CJF C . -16.96 0.96 -8.14
N01 CJF D . 12.97 6.59 9.09
C02 CJF D . 13.68 7.40 8.11
N03 CJF D . 14.96 7.14 7.84
C04 CJF D . 15.60 7.90 6.94
C05 CJF D . 14.95 8.96 6.29
C06 CJF D . 13.60 9.18 6.62
N07 CJF D . 12.81 10.26 6.00
C08 CJF D . 13.43 11.16 5.01
C09 CJF D . 13.04 12.63 5.13
C10 CJF D . 14.44 12.18 5.56
N11 CJF D . 13.03 8.39 7.51
N12 CJF D . 16.99 7.62 6.62
C13 CJF D . 17.84 6.88 7.57
C14 CJF D . 19.03 6.23 6.87
O15 CJF D . 19.78 7.17 6.19
C16 CJF D . 19.02 7.89 5.25
C17 CJF D . 17.81 8.60 5.88
#